data_1QSL
#
_entry.id   1QSL
#
_cell.length_a   103.300
_cell.length_b   103.300
_cell.length_c   86.500
_cell.angle_alpha   90.00
_cell.angle_beta   90.00
_cell.angle_gamma   90.00
#
_symmetry.space_group_name_H-M   'P 43'
#
loop_
_entity.id
_entity.type
_entity.pdbx_description
1 polymer "5'-D(*GP*CP*TP*TP*AP*CP*GP*C)-3'"
2 polymer 'DNA POLYMERASE I'
3 non-polymer 'EUROPIUM ION'
4 water water
#
loop_
_entity_poly.entity_id
_entity_poly.type
_entity_poly.pdbx_seq_one_letter_code
_entity_poly.pdbx_strand_id
1 'polydeoxyribonucleotide' (DG)(DC)(DT)(DT)(DA)(DC)(DG)(DC) B
2 'polypeptide(L)'
;MISYDNYVTILDEETLKAWIAKLEKAPVFAFDTETDSLDNISANLVGLSFAIEPGVAAYIPVAHDYLDAPDQISRERALE
LLKPLLEDEKALKVGQNLKYDRGILANYGIELRGIAFDTMLESYILNSVAGRHDMDSLAERWLKHKTITFEEIAGKGKNQ
LTFNQIALEEAGRYAAEDADVTLQLHLKMWPDLQKHKGPLNVFENIEMPLVPVLSRIERNGVKIDPKVLHNHSEELTLRL
AELEKKAHEIAGEEFNLSSTKQLQTILFEKQGIKPLKKTPGGAPSTSEEVLEELALDYPLPKVILEYRGLAKLKSTYTDK
LPLMINPKTGRVHTSYHQAVTATGRLSSTDPNLQNIPVRNEEGRRIRQAFIAPEDYVIVSADYSQIELRIMAHLSRDKGL
LTAFAEGKDIHRATAAEVFGLPLETVTSEQRRSAKAINFGLIYGMSAFGLARQLNIPRKEAQKYMDLYFERYPGVLEYME
RTRAQAKEQGYVETLDGRRLYLPDIKSSNGARRAAAERAAINAPMQGTAADIIKRAMIAVDAWLQAEQPRVRMIMQVHDE
LVFEVHKDDVDAVAKQIHQLMENCTRLDVPLLVEVGSGENWDQAH
;
A
#
loop_
_chem_comp.id
_chem_comp.type
_chem_comp.name
_chem_comp.formula
DA DNA linking 2'-DEOXYADENOSINE-5'-MONOPHOSPHATE 'C10 H14 N5 O6 P'
DC DNA linking 2'-DEOXYCYTIDINE-5'-MONOPHOSPHATE 'C9 H14 N3 O7 P'
DG DNA linking 2'-DEOXYGUANOSINE-5'-MONOPHOSPHATE 'C10 H14 N5 O7 P'
DT DNA linking THYMIDINE-5'-MONOPHOSPHATE 'C10 H15 N2 O8 P'
EU non-polymer 'EUROPIUM ION' 'Eu 2'
#
# COMPACT_ATOMS: atom_id res chain seq x y z
N MET B 1 -9.06 1.18 35.66
CA MET B 1 -9.46 2.55 35.32
C MET B 1 -8.07 3.28 35.25
N ILE B 2 -8.14 4.58 35.11
CA ILE B 2 -7.05 5.54 35.06
C ILE B 2 -7.56 6.90 35.55
N SER B 3 -6.95 7.36 36.63
CA SER B 3 -7.40 8.64 37.21
C SER B 3 -6.48 9.78 36.78
N TYR B 4 -6.71 10.94 37.39
CA TYR B 4 -5.90 12.15 37.14
C TYR B 4 -4.62 12.13 37.98
N ASP B 5 -4.41 11.03 38.70
CA ASP B 5 -3.23 10.88 39.56
C ASP B 5 -2.04 10.25 38.85
N ASN B 6 -2.32 9.36 37.90
CA ASN B 6 -1.28 8.64 37.16
C ASN B 6 -0.25 9.51 36.45
N TYR B 7 -0.73 10.39 35.61
CA TYR B 7 0.14 11.23 34.79
C TYR B 7 -0.02 12.71 35.09
N VAL B 8 1.04 13.46 34.89
CA VAL B 8 1.00 14.89 35.16
C VAL B 8 0.62 15.73 33.94
N THR B 9 0.01 16.88 34.21
CA THR B 9 -0.39 17.80 33.17
C THR B 9 0.48 19.04 33.32
N ILE B 10 1.38 19.24 32.36
CA ILE B 10 2.31 20.35 32.36
C ILE B 10 1.69 21.65 31.88
N LEU B 11 1.50 22.57 32.83
CA LEU B 11 0.88 23.85 32.58
C LEU B 11 1.85 25.03 32.68
N ASP B 12 3.12 24.77 32.99
CA ASP B 12 4.08 25.85 33.09
C ASP B 12 5.46 25.51 32.54
N GLU B 13 6.13 26.54 32.00
CA GLU B 13 7.46 26.41 31.41
C GLU B 13 8.48 25.74 32.30
N GLU B 14 8.47 26.12 33.58
CA GLU B 14 9.44 25.58 34.54
C GLU B 14 9.38 24.06 34.60
N THR B 15 8.17 23.51 34.62
CA THR B 15 7.99 22.07 34.68
C THR B 15 8.31 21.41 33.33
N LEU B 16 8.06 22.12 32.23
CA LEU B 16 8.34 21.61 30.90
C LEU B 16 9.86 21.51 30.74
N LYS B 17 10.58 22.51 31.23
CA LYS B 17 12.04 22.50 31.15
C LYS B 17 12.66 21.40 32.01
N ALA B 18 12.01 21.06 33.11
CA ALA B 18 12.48 19.99 34.00
C ALA B 18 12.35 18.67 33.25
N TRP B 19 11.24 18.51 32.55
CA TRP B 19 10.99 17.31 31.75
C TRP B 19 11.93 17.21 30.55
N ILE B 20 12.18 18.33 29.87
CA ILE B 20 13.07 18.34 28.70
C ILE B 20 14.47 17.87 29.11
N ALA B 21 14.90 18.26 30.31
CA ALA B 21 16.21 17.87 30.85
C ALA B 21 16.24 16.36 31.11
N LYS B 22 15.14 15.81 31.61
CA LYS B 22 15.06 14.38 31.88
C LYS B 22 15.02 13.61 30.55
N LEU B 23 14.30 14.17 29.57
CA LEU B 23 14.16 13.58 28.24
C LEU B 23 15.51 13.51 27.50
N GLU B 24 16.32 14.55 27.67
CA GLU B 24 17.65 14.63 27.05
C GLU B 24 18.58 13.50 27.47
N LYS B 25 18.44 13.01 28.70
CA LYS B 25 19.32 11.95 29.13
C LYS B 25 18.74 10.55 29.07
N ALA B 26 17.48 10.44 28.68
CA ALA B 26 16.83 9.13 28.57
C ALA B 26 17.38 8.43 27.31
N PRO B 27 17.65 7.11 27.41
CA PRO B 27 18.16 6.30 26.29
C PRO B 27 17.20 6.31 25.07
N VAL B 28 15.91 6.32 25.36
CA VAL B 28 14.84 6.40 24.36
C VAL B 28 13.66 6.94 25.13
N PHE B 29 12.72 7.53 24.42
CA PHE B 29 11.51 8.04 25.05
C PHE B 29 10.36 8.01 24.06
N ALA B 30 9.16 7.78 24.58
CA ALA B 30 8.00 7.74 23.71
C ALA B 30 7.40 9.12 23.61
N PHE B 31 6.84 9.43 22.44
CA PHE B 31 6.18 10.71 22.26
C PHE B 31 5.05 10.63 21.23
N ASP B 32 3.98 11.38 21.48
CA ASP B 32 2.80 11.36 20.62
C ASP B 32 2.23 12.77 20.53
N THR B 33 1.54 13.08 19.43
CA THR B 33 0.92 14.40 19.23
C THR B 33 -0.59 14.30 19.13
N GLU B 34 -1.28 15.32 19.61
CA GLU B 34 -2.73 15.35 19.57
C GLU B 34 -3.11 16.56 18.71
N THR B 35 -4.10 16.39 17.86
CA THR B 35 -4.55 17.43 16.93
C THR B 35 -6.07 17.57 16.85
N ASP B 36 -6.54 18.56 16.09
CA ASP B 36 -7.98 18.78 15.92
C ASP B 36 -8.56 18.12 14.66
N SER B 37 -7.78 17.26 14.01
CA SER B 37 -8.24 16.62 12.79
C SER B 37 -7.32 15.48 12.36
N LEU B 38 -7.88 14.51 11.64
CA LEU B 38 -7.11 13.38 11.10
C LEU B 38 -6.35 13.81 9.83
N ASP B 39 -6.84 14.88 9.20
CA ASP B 39 -6.18 15.41 8.00
C ASP B 39 -4.88 16.08 8.40
N ASN B 40 -3.80 15.38 8.12
CA ASN B 40 -2.46 15.82 8.43
C ASN B 40 -2.08 17.21 7.94
N ILE B 41 -2.40 17.54 6.69
CA ILE B 41 -1.99 18.84 6.16
C ILE B 41 -2.68 20.08 6.77
N SER B 42 -3.92 19.93 7.21
CA SER B 42 -4.63 21.08 7.79
C SER B 42 -4.90 20.99 9.29
N ALA B 43 -4.45 19.89 9.91
CA ALA B 43 -4.64 19.70 11.34
C ALA B 43 -3.84 20.69 12.18
N ASN B 44 -4.35 20.99 13.36
CA ASN B 44 -3.66 21.89 14.27
C ASN B 44 -3.26 21.09 15.50
N LEU B 45 -2.02 21.32 15.95
CA LEU B 45 -1.47 20.66 17.12
C LEU B 45 -2.17 21.18 18.36
N VAL B 46 -2.86 20.30 19.06
CA VAL B 46 -3.57 20.67 20.28
C VAL B 46 -2.71 20.37 21.52
N GLY B 47 -1.86 19.35 21.43
CA GLY B 47 -1.00 19.00 22.54
C GLY B 47 -0.03 17.88 22.24
N LEU B 48 0.90 17.66 23.17
CA LEU B 48 1.92 16.61 23.05
C LEU B 48 2.06 15.83 24.34
N SER B 49 2.45 14.56 24.22
CA SER B 49 2.67 13.72 25.39
C SER B 49 4.00 12.97 25.26
N PHE B 50 4.62 12.69 26.41
CA PHE B 50 5.90 11.99 26.49
C PHE B 50 5.89 10.95 27.59
N ALA B 51 6.80 10.00 27.48
CA ALA B 51 6.95 8.95 28.49
C ALA B 51 8.44 8.61 28.56
N ILE B 52 9.05 8.78 29.75
CA ILE B 52 10.48 8.46 29.90
C ILE B 52 10.75 7.06 30.44
N GLU B 53 9.74 6.45 31.04
CA GLU B 53 9.90 5.17 31.70
C GLU B 53 8.50 4.66 31.97
N PRO B 54 8.32 3.33 32.10
CA PRO B 54 6.97 2.80 32.35
C PRO B 54 6.35 3.45 33.58
N GLY B 55 5.16 4.00 33.40
CA GLY B 55 4.44 4.66 34.48
C GLY B 55 4.74 6.15 34.66
N VAL B 56 5.75 6.66 33.97
CA VAL B 56 6.12 8.05 34.06
C VAL B 56 5.91 8.77 32.73
N ALA B 57 4.77 9.43 32.58
CA ALA B 57 4.47 10.14 31.34
C ALA B 57 3.70 11.42 31.63
N ALA B 58 3.81 12.39 30.72
CA ALA B 58 3.13 13.67 30.89
C ALA B 58 2.43 14.18 29.63
N TYR B 59 1.46 15.07 29.84
CA TYR B 59 0.73 15.69 28.75
C TYR B 59 0.90 17.21 28.82
N ILE B 60 1.26 17.82 27.69
CA ILE B 60 1.47 19.27 27.57
C ILE B 60 0.39 19.88 26.65
N PRO B 61 -0.69 20.45 27.23
CA PRO B 61 -1.75 21.05 26.42
C PRO B 61 -1.26 22.40 25.92
N VAL B 62 -1.46 22.68 24.64
CA VAL B 62 -1.05 23.98 24.12
C VAL B 62 -2.20 24.72 23.43
N ALA B 63 -3.22 23.99 22.97
CA ALA B 63 -4.34 24.65 22.28
C ALA B 63 -5.76 24.19 22.58
N HIS B 64 -6.08 23.97 23.86
CA HIS B 64 -7.44 23.61 24.23
C HIS B 64 -8.11 24.97 24.38
N ASP B 65 -9.29 25.13 23.80
CA ASP B 65 -9.92 26.44 23.85
C ASP B 65 -11.39 26.51 24.20
N TYR B 66 -11.87 25.49 24.90
CA TYR B 66 -13.27 25.46 25.34
C TYR B 66 -13.53 26.63 26.30
N LEU B 67 -14.80 26.90 26.59
CA LEU B 67 -15.17 27.99 27.48
C LEU B 67 -14.45 27.82 28.82
N ASP B 68 -13.75 28.87 29.24
CA ASP B 68 -12.99 28.89 30.50
C ASP B 68 -11.81 27.91 30.68
N ALA B 69 -11.15 27.58 29.59
CA ALA B 69 -9.99 26.68 29.64
C ALA B 69 -8.87 27.41 30.38
N PRO B 70 -8.20 26.72 31.31
CA PRO B 70 -7.10 27.26 32.10
C PRO B 70 -5.92 27.66 31.22
N ASP B 71 -5.08 28.56 31.71
CA ASP B 71 -3.91 28.99 30.95
C ASP B 71 -3.03 27.78 30.65
N GLN B 72 -2.47 27.75 29.45
CA GLN B 72 -1.60 26.67 29.01
C GLN B 72 -0.38 27.32 28.43
N ILE B 73 0.71 26.56 28.29
CA ILE B 73 1.91 27.12 27.68
C ILE B 73 1.46 27.35 26.23
N SER B 74 1.92 28.41 25.59
CA SER B 74 1.50 28.67 24.21
C SER B 74 2.15 27.68 23.24
N ARG B 75 1.44 27.36 22.16
CA ARG B 75 1.94 26.43 21.17
C ARG B 75 3.31 26.84 20.63
N GLU B 76 3.52 28.14 20.47
CA GLU B 76 4.79 28.64 19.94
C GLU B 76 5.96 28.50 20.93
N ARG B 77 5.69 28.79 22.20
CA ARG B 77 6.70 28.68 23.24
C ARG B 77 7.06 27.22 23.52
N ALA B 78 6.05 26.36 23.57
CA ALA B 78 6.27 24.94 23.82
C ALA B 78 7.11 24.35 22.71
N LEU B 79 6.79 24.69 21.47
CA LEU B 79 7.51 24.16 20.34
C LEU B 79 8.95 24.66 20.22
N GLU B 80 9.20 25.93 20.57
CA GLU B 80 10.56 26.43 20.49
C GLU B 80 11.44 25.82 21.57
N LEU B 81 10.84 25.44 22.70
CA LEU B 81 11.59 24.80 23.77
C LEU B 81 11.83 23.33 23.43
N LEU B 82 10.86 22.70 22.78
CA LEU B 82 10.93 21.29 22.40
C LEU B 82 11.70 21.00 21.11
N LYS B 83 11.79 22.02 20.25
CA LYS B 83 12.46 21.89 18.96
C LYS B 83 13.83 21.23 18.96
N PRO B 84 14.79 21.73 19.77
CA PRO B 84 16.14 21.13 19.80
C PRO B 84 16.10 19.62 20.05
N LEU B 85 15.26 19.19 21.00
CA LEU B 85 15.14 17.78 21.34
C LEU B 85 14.56 16.94 20.19
N LEU B 86 13.51 17.46 19.58
CA LEU B 86 12.83 16.80 18.48
C LEU B 86 13.69 16.69 17.22
N GLU B 87 14.49 17.72 16.96
CA GLU B 87 15.36 17.74 15.79
C GLU B 87 16.71 17.08 15.99
N ASP B 88 16.94 16.52 17.17
CA ASP B 88 18.21 15.87 17.48
C ASP B 88 18.16 14.40 17.03
N GLU B 89 18.97 14.07 16.02
CA GLU B 89 19.03 12.71 15.49
C GLU B 89 19.52 11.71 16.54
N LYS B 90 20.25 12.22 17.54
CA LYS B 90 20.80 11.40 18.61
C LYS B 90 19.79 11.10 19.72
N ALA B 91 18.76 11.95 19.86
CA ALA B 91 17.72 11.73 20.87
C ALA B 91 16.73 10.79 20.20
N LEU B 92 16.76 9.52 20.60
CA LEU B 92 15.90 8.48 20.02
C LEU B 92 14.46 8.47 20.50
N LYS B 93 13.55 8.42 19.53
CA LYS B 93 12.10 8.42 19.78
C LYS B 93 11.33 7.13 19.43
N VAL B 94 10.31 6.84 20.24
CA VAL B 94 9.42 5.70 20.04
C VAL B 94 8.02 6.28 19.86
N GLY B 95 7.21 5.66 19.02
CA GLY B 95 5.86 6.14 18.83
C GLY B 95 5.01 5.17 18.02
N GLN B 96 3.70 5.34 18.09
CA GLN B 96 2.76 4.52 17.35
C GLN B 96 2.40 5.33 16.09
N ASN B 97 2.83 4.84 14.93
CA ASN B 97 2.60 5.52 13.65
C ASN B 97 3.20 6.91 13.69
N LEU B 98 4.53 6.94 13.70
CA LEU B 98 5.30 8.17 13.75
C LEU B 98 5.16 9.01 12.48
N LYS B 99 4.73 8.37 11.39
CA LYS B 99 4.53 9.06 10.10
C LYS B 99 3.64 10.28 10.32
N TYR B 100 2.55 10.04 11.04
CA TYR B 100 1.58 11.07 11.35
C TYR B 100 2.19 12.20 12.18
N ASP B 101 2.93 11.82 13.23
CA ASP B 101 3.54 12.80 14.12
C ASP B 101 4.60 13.66 13.43
N ARG B 102 5.38 13.05 12.55
CA ARG B 102 6.41 13.76 11.82
C ARG B 102 5.77 14.86 10.96
N GLY B 103 4.63 14.55 10.34
CA GLY B 103 3.96 15.53 9.50
C GLY B 103 3.45 16.73 10.25
N ILE B 104 2.82 16.49 11.40
CA ILE B 104 2.26 17.56 12.24
C ILE B 104 3.35 18.55 12.63
N LEU B 105 4.51 18.04 13.02
CA LEU B 105 5.63 18.89 13.41
C LEU B 105 6.11 19.68 12.22
N ALA B 106 6.04 19.06 11.04
CA ALA B 106 6.44 19.71 9.80
C ALA B 106 5.59 20.95 9.53
N ASN B 107 4.35 20.96 10.02
CA ASN B 107 3.46 22.12 9.86
C ASN B 107 3.98 23.34 10.63
N TYR B 108 4.95 23.13 11.50
CA TYR B 108 5.50 24.23 12.28
C TYR B 108 6.97 24.48 12.05
N GLY B 109 7.48 23.99 10.93
CA GLY B 109 8.88 24.18 10.58
C GLY B 109 9.84 23.32 11.38
N ILE B 110 9.35 22.23 11.98
CA ILE B 110 10.19 21.35 12.77
C ILE B 110 10.44 20.03 12.05
N GLU B 111 11.71 19.65 11.97
CA GLU B 111 12.11 18.40 11.32
C GLU B 111 12.38 17.29 12.32
N LEU B 112 11.42 16.38 12.49
CA LEU B 112 11.54 15.26 13.40
C LEU B 112 12.65 14.31 12.98
N ARG B 113 13.65 14.20 13.83
CA ARG B 113 14.77 13.28 13.56
C ARG B 113 14.85 12.31 14.72
N GLY B 114 15.61 11.25 14.54
CA GLY B 114 15.72 10.25 15.57
C GLY B 114 14.51 9.34 15.56
N ILE B 115 13.89 9.19 14.38
CA ILE B 115 12.72 8.33 14.20
C ILE B 115 13.22 6.88 14.20
N ALA B 116 13.51 6.38 15.40
CA ALA B 116 14.05 5.03 15.58
C ALA B 116 13.09 3.86 15.75
N PHE B 117 12.04 4.03 16.53
CA PHE B 117 11.12 2.93 16.77
C PHE B 117 9.65 3.27 16.60
N ASP B 118 8.96 2.46 15.79
CA ASP B 118 7.54 2.64 15.57
C ASP B 118 6.91 1.33 15.99
N THR B 119 6.21 1.36 17.12
CA THR B 119 5.60 0.15 17.64
C THR B 119 4.65 -0.52 16.66
N MET B 120 4.08 0.27 15.75
CA MET B 120 3.17 -0.28 14.74
C MET B 120 3.95 -1.18 13.80
N LEU B 121 5.14 -0.72 13.44
CA LEU B 121 6.01 -1.45 12.54
C LEU B 121 6.74 -2.58 13.24
N GLU B 122 6.88 -2.47 14.56
CA GLU B 122 7.54 -3.51 15.36
C GLU B 122 6.60 -4.71 15.28
N SER B 123 5.34 -4.45 15.59
CA SER B 123 4.30 -5.47 15.57
C SER B 123 4.13 -6.08 14.17
N TYR B 124 4.20 -5.24 13.14
CA TYR B 124 4.04 -5.69 11.76
C TYR B 124 5.17 -6.62 11.27
N ILE B 125 6.39 -6.32 11.68
CA ILE B 125 7.53 -7.14 11.27
C ILE B 125 7.63 -8.46 12.07
N LEU B 126 7.14 -8.44 13.31
CA LEU B 126 7.14 -9.61 14.17
C LEU B 126 6.21 -10.70 13.61
N ASN B 127 5.03 -10.28 13.17
CA ASN B 127 4.05 -11.18 12.56
C ASN B 127 2.93 -10.36 11.95
N SER B 128 3.06 -10.11 10.65
CA SER B 128 2.10 -9.29 9.92
C SER B 128 0.66 -9.74 10.00
N VAL B 129 0.42 -11.03 10.14
CA VAL B 129 -0.93 -11.56 10.21
C VAL B 129 -1.44 -11.93 11.60
N ALA B 130 -0.74 -11.51 12.63
CA ALA B 130 -1.13 -11.79 14.01
C ALA B 130 -2.45 -11.10 14.39
N GLY B 131 -2.76 -10.02 13.70
CA GLY B 131 -3.97 -9.30 13.98
C GLY B 131 -3.80 -7.86 13.54
N ARG B 132 -4.60 -6.95 14.11
CA ARG B 132 -4.49 -5.55 13.74
C ARG B 132 -3.32 -4.92 14.47
N HIS B 133 -2.67 -3.97 13.81
CA HIS B 133 -1.50 -3.31 14.38
C HIS B 133 -1.70 -1.91 14.93
N ASP B 134 -2.94 -1.60 15.30
CA ASP B 134 -3.29 -0.32 15.90
C ASP B 134 -3.00 -0.43 17.39
N MET B 135 -2.81 0.68 18.06
CA MET B 135 -2.48 0.64 19.48
C MET B 135 -3.46 -0.07 20.43
N ASP B 136 -4.76 0.07 20.21
CA ASP B 136 -5.75 -0.56 21.08
C ASP B 136 -5.70 -2.08 21.00
N SER B 137 -5.38 -2.59 19.82
CA SER B 137 -5.28 -4.02 19.61
C SER B 137 -3.95 -4.52 20.17
N LEU B 138 -2.92 -3.70 19.98
CA LEU B 138 -1.58 -4.01 20.47
C LEU B 138 -1.52 -4.08 21.99
N ALA B 139 -2.09 -3.08 22.65
CA ALA B 139 -2.11 -3.02 24.11
C ALA B 139 -2.75 -4.25 24.72
N GLU B 140 -3.86 -4.68 24.15
CA GLU B 140 -4.59 -5.85 24.65
C GLU B 140 -3.88 -7.16 24.35
N ARG B 141 -3.14 -7.20 23.24
CA ARG B 141 -2.43 -8.40 22.85
C ARG B 141 -1.12 -8.65 23.59
N TRP B 142 -0.32 -7.60 23.76
CA TRP B 142 0.98 -7.69 24.44
C TRP B 142 0.99 -7.28 25.91
N LEU B 143 -0.05 -6.61 26.36
CA LEU B 143 -0.06 -6.13 27.73
C LEU B 143 -1.33 -6.45 28.48
N LYS B 144 -2.27 -7.13 27.83
CA LYS B 144 -3.55 -7.46 28.45
C LYS B 144 -4.11 -6.21 29.11
N HIS B 145 -3.93 -5.09 28.42
CA HIS B 145 -4.38 -3.81 28.92
C HIS B 145 -5.36 -3.20 27.94
N LYS B 146 -6.46 -2.67 28.46
CA LYS B 146 -7.46 -2.04 27.62
C LYS B 146 -7.34 -0.52 27.70
N THR B 147 -6.79 0.07 26.65
CA THR B 147 -6.58 1.52 26.59
C THR B 147 -7.86 2.34 26.56
N ILE B 148 -7.73 3.61 26.93
CA ILE B 148 -8.84 4.55 26.89
C ILE B 148 -9.04 4.80 25.41
N THR B 149 -10.26 4.66 24.93
CA THR B 149 -10.53 4.86 23.52
C THR B 149 -10.82 6.33 23.21
N PHE B 150 -10.56 6.75 21.98
CA PHE B 150 -10.81 8.14 21.58
C PHE B 150 -12.29 8.52 21.81
N GLU B 151 -13.21 7.57 21.58
CA GLU B 151 -14.64 7.78 21.77
C GLU B 151 -14.97 8.04 23.23
N GLU B 152 -14.23 7.37 24.12
CA GLU B 152 -14.45 7.51 25.55
C GLU B 152 -14.32 8.93 26.06
N ILE B 153 -13.44 9.71 25.42
CA ILE B 153 -13.23 11.10 25.80
C ILE B 153 -13.84 12.12 24.83
N ALA B 154 -14.01 11.73 23.57
CA ALA B 154 -14.56 12.63 22.56
C ALA B 154 -16.01 12.42 22.17
N GLY B 155 -16.50 11.19 22.31
CA GLY B 155 -17.88 10.89 21.96
C GLY B 155 -18.02 10.20 20.60
N LYS B 156 -19.25 10.07 20.10
CA LYS B 156 -19.53 9.44 18.81
C LYS B 156 -20.50 10.30 17.99
N GLY B 157 -20.69 9.92 16.73
CA GLY B 157 -21.59 10.65 15.86
C GLY B 157 -21.06 12.00 15.43
N LYS B 158 -21.94 12.80 14.82
CA LYS B 158 -21.58 14.14 14.35
C LYS B 158 -21.29 15.10 15.49
N ASN B 159 -21.83 14.79 16.66
CA ASN B 159 -21.60 15.64 17.82
C ASN B 159 -20.36 15.25 18.63
N GLN B 160 -19.42 14.60 17.96
CA GLN B 160 -18.18 14.19 18.57
C GLN B 160 -17.29 15.41 18.72
N LEU B 161 -16.65 15.54 19.87
CA LEU B 161 -15.78 16.65 20.15
C LEU B 161 -14.40 16.53 19.49
N THR B 162 -13.80 17.67 19.15
CA THR B 162 -12.45 17.64 18.59
C THR B 162 -11.53 17.75 19.82
N PHE B 163 -10.28 17.33 19.70
CA PHE B 163 -9.37 17.33 20.85
C PHE B 163 -9.25 18.60 21.68
N ASN B 164 -9.35 19.75 21.04
CA ASN B 164 -9.25 21.06 21.71
C ASN B 164 -10.45 21.43 22.58
N GLN B 165 -11.52 20.65 22.48
CA GLN B 165 -12.74 20.90 23.25
C GLN B 165 -12.83 20.06 24.51
N ILE B 166 -11.95 19.07 24.62
CA ILE B 166 -11.91 18.17 25.76
C ILE B 166 -11.17 18.82 26.94
N ALA B 167 -11.65 18.56 28.16
CA ALA B 167 -11.02 19.13 29.35
C ALA B 167 -9.56 18.68 29.50
N LEU B 168 -8.72 19.60 29.96
CA LEU B 168 -7.29 19.34 30.15
C LEU B 168 -6.97 17.99 30.78
N GLU B 169 -7.59 17.68 31.91
CA GLU B 169 -7.38 16.42 32.62
C GLU B 169 -7.83 15.19 31.86
N GLU B 170 -9.00 15.27 31.21
CA GLU B 170 -9.49 14.13 30.43
C GLU B 170 -8.51 13.86 29.30
N ALA B 171 -8.13 14.92 28.58
CA ALA B 171 -7.19 14.83 27.48
C ALA B 171 -5.87 14.25 27.97
N GLY B 172 -5.46 14.70 29.14
CA GLY B 172 -4.24 14.23 29.76
C GLY B 172 -4.21 12.73 30.02
N ARG B 173 -5.27 12.20 30.62
CA ARG B 173 -5.37 10.75 30.89
C ARG B 173 -5.15 9.96 29.61
N TYR B 174 -5.85 10.35 28.55
CA TYR B 174 -5.78 9.69 27.26
C TYR B 174 -4.40 9.76 26.60
N ALA B 175 -3.90 10.97 26.41
CA ALA B 175 -2.63 11.20 25.72
C ALA B 175 -1.40 10.65 26.45
N ALA B 176 -1.36 10.81 27.76
CA ALA B 176 -0.24 10.33 28.57
C ALA B 176 -0.19 8.80 28.63
N GLU B 177 -1.36 8.18 28.62
CA GLU B 177 -1.43 6.72 28.61
C GLU B 177 -0.91 6.16 27.30
N ASP B 178 -1.23 6.82 26.19
CA ASP B 178 -0.78 6.39 24.87
C ASP B 178 0.72 6.34 24.85
N ALA B 179 1.33 7.41 25.33
CA ALA B 179 2.78 7.55 25.39
C ALA B 179 3.39 6.45 26.28
N ASP B 180 2.75 6.22 27.42
CA ASP B 180 3.16 5.21 28.40
C ASP B 180 3.10 3.80 27.78
N VAL B 181 1.92 3.44 27.31
CA VAL B 181 1.68 2.16 26.68
C VAL B 181 2.60 1.93 25.49
N THR B 182 2.85 2.97 24.70
CA THR B 182 3.72 2.83 23.54
C THR B 182 5.11 2.38 23.97
N LEU B 183 5.64 3.02 25.02
CA LEU B 183 6.98 2.69 25.53
C LEU B 183 7.01 1.27 26.07
N GLN B 184 5.96 0.86 26.79
CA GLN B 184 5.89 -0.50 27.30
C GLN B 184 5.84 -1.50 26.16
N LEU B 185 5.06 -1.17 25.12
CA LEU B 185 4.94 -2.02 23.93
C LEU B 185 6.29 -2.21 23.27
N HIS B 186 7.07 -1.13 23.20
CA HIS B 186 8.41 -1.17 22.60
C HIS B 186 9.34 -2.08 23.42
N LEU B 187 9.29 -1.89 24.74
CA LEU B 187 10.10 -2.66 25.67
C LEU B 187 9.81 -4.15 25.60
N LYS B 188 8.57 -4.52 25.26
CA LYS B 188 8.19 -5.93 25.14
C LYS B 188 8.58 -6.49 23.77
N MET B 189 8.42 -5.70 22.71
CA MET B 189 8.70 -6.12 21.34
C MET B 189 10.12 -6.00 20.82
N TRP B 190 10.81 -4.93 21.18
CA TRP B 190 12.19 -4.71 20.72
C TRP B 190 13.15 -5.88 20.98
N PRO B 191 13.08 -6.50 22.17
CA PRO B 191 13.97 -7.64 22.46
C PRO B 191 13.61 -8.85 21.60
N ASP B 192 12.31 -9.09 21.46
CA ASP B 192 11.80 -10.18 20.64
C ASP B 192 12.26 -10.02 19.19
N LEU B 193 12.28 -8.78 18.71
CA LEU B 193 12.68 -8.47 17.35
C LEU B 193 14.13 -8.80 17.05
N GLN B 194 14.88 -9.25 18.05
CA GLN B 194 16.28 -9.55 17.80
C GLN B 194 16.65 -11.02 17.77
N LYS B 195 15.70 -11.87 18.12
CA LYS B 195 15.89 -13.30 18.09
C LYS B 195 16.12 -13.78 16.65
N HIS B 196 15.93 -12.89 15.67
CA HIS B 196 16.09 -13.24 14.26
C HIS B 196 16.63 -12.11 13.40
N LYS B 197 17.78 -12.33 12.78
CA LYS B 197 18.41 -11.32 11.97
C LYS B 197 17.63 -10.88 10.74
N GLY B 198 16.74 -11.74 10.25
CA GLY B 198 15.95 -11.42 9.07
C GLY B 198 15.00 -10.26 9.35
N PRO B 199 13.97 -10.48 10.17
CA PRO B 199 12.97 -9.48 10.55
C PRO B 199 13.63 -8.21 11.06
N LEU B 200 14.69 -8.36 11.83
CA LEU B 200 15.42 -7.23 12.38
C LEU B 200 15.97 -6.36 11.24
N ASN B 201 16.51 -7.00 10.20
CA ASN B 201 17.07 -6.27 9.08
C ASN B 201 16.00 -5.48 8.34
N VAL B 202 14.87 -6.11 8.08
CA VAL B 202 13.77 -5.47 7.38
C VAL B 202 13.21 -4.27 8.17
N PHE B 203 13.04 -4.45 9.47
CA PHE B 203 12.53 -3.40 10.34
C PHE B 203 13.45 -2.19 10.39
N GLU B 204 14.74 -2.45 10.60
CA GLU B 204 15.77 -1.40 10.71
C GLU B 204 16.16 -0.66 9.44
N ASN B 205 16.38 -1.41 8.37
CA ASN B 205 16.84 -0.83 7.12
C ASN B 205 15.82 -0.60 6.03
N ILE B 206 14.61 -1.12 6.22
CA ILE B 206 13.55 -0.97 5.24
C ILE B 206 12.35 -0.20 5.80
N GLU B 207 11.69 -0.76 6.80
CA GLU B 207 10.53 -0.10 7.38
C GLU B 207 10.77 1.23 8.07
N MET B 208 11.68 1.27 9.06
CA MET B 208 11.94 2.51 9.78
C MET B 208 12.35 3.68 8.92
N PRO B 209 13.33 3.49 8.03
CA PRO B 209 13.78 4.59 7.16
C PRO B 209 12.64 5.11 6.26
N LEU B 210 11.70 4.23 5.93
CA LEU B 210 10.56 4.58 5.07
C LEU B 210 9.51 5.46 5.72
N VAL B 211 9.46 5.49 7.05
CA VAL B 211 8.46 6.31 7.75
C VAL B 211 8.44 7.76 7.29
N PRO B 212 9.58 8.47 7.33
CA PRO B 212 9.59 9.88 6.90
C PRO B 212 9.39 10.12 5.39
N VAL B 213 9.76 9.17 4.54
CA VAL B 213 9.56 9.36 3.10
C VAL B 213 8.08 9.22 2.76
N LEU B 214 7.37 8.32 3.44
CA LEU B 214 5.95 8.15 3.21
C LEU B 214 5.23 9.43 3.63
N SER B 215 5.67 10.01 4.75
CA SER B 215 5.10 11.26 5.26
C SER B 215 5.25 12.37 4.23
N ARG B 216 6.45 12.47 3.65
CA ARG B 216 6.73 13.48 2.63
C ARG B 216 5.94 13.27 1.34
N ILE B 217 5.69 12.02 0.96
CA ILE B 217 4.93 11.72 -0.24
C ILE B 217 3.47 12.09 0.00
N GLU B 218 2.96 11.72 1.16
CA GLU B 218 1.57 12.02 1.53
C GLU B 218 1.30 13.51 1.62
N ARG B 219 2.24 14.25 2.22
CA ARG B 219 2.10 15.68 2.37
C ARG B 219 2.30 16.46 1.08
N ASN B 220 3.04 15.89 0.12
CA ASN B 220 3.26 16.54 -1.17
C ASN B 220 1.96 16.54 -1.94
N GLY B 221 1.32 15.38 -1.94
CA GLY B 221 0.06 15.23 -2.66
C GLY B 221 0.25 15.07 -4.15
N VAL B 222 -0.86 15.06 -4.86
CA VAL B 222 -0.84 14.92 -6.31
C VAL B 222 -1.82 15.92 -6.95
N LYS B 223 -1.40 16.52 -8.05
CA LYS B 223 -2.21 17.50 -8.78
C LYS B 223 -3.25 16.78 -9.64
N ILE B 224 -4.53 17.08 -9.40
CA ILE B 224 -5.64 16.48 -10.14
C ILE B 224 -6.53 17.55 -10.81
N ASP B 225 -6.81 17.38 -12.10
CA ASP B 225 -7.64 18.32 -12.85
C ASP B 225 -9.11 17.96 -12.70
N PRO B 226 -9.85 18.72 -11.88
CA PRO B 226 -11.27 18.45 -11.66
C PRO B 226 -12.14 18.71 -12.89
N LYS B 227 -11.68 19.55 -13.82
CA LYS B 227 -12.43 19.83 -15.06
C LYS B 227 -12.48 18.56 -15.90
N VAL B 228 -11.30 17.97 -16.15
CA VAL B 228 -11.19 16.73 -16.91
C VAL B 228 -12.08 15.67 -16.29
N LEU B 229 -12.02 15.56 -14.97
CA LEU B 229 -12.80 14.59 -14.21
C LEU B 229 -14.29 14.80 -14.41
N HIS B 230 -14.70 16.06 -14.52
CA HIS B 230 -16.11 16.36 -14.70
C HIS B 230 -16.62 16.07 -16.12
N ASN B 231 -15.78 16.32 -17.11
CA ASN B 231 -16.13 16.05 -18.51
C ASN B 231 -16.40 14.56 -18.61
N HIS B 232 -15.44 13.79 -18.11
CA HIS B 232 -15.49 12.33 -18.10
C HIS B 232 -16.80 11.87 -17.44
N SER B 233 -17.17 12.51 -16.35
CA SER B 233 -18.40 12.16 -15.63
C SER B 233 -19.65 12.35 -16.50
N GLU B 234 -19.77 13.53 -17.11
CA GLU B 234 -20.89 13.87 -17.97
C GLU B 234 -20.97 12.91 -19.16
N GLU B 235 -19.82 12.60 -19.73
CA GLU B 235 -19.76 11.69 -20.87
C GLU B 235 -20.21 10.28 -20.50
N LEU B 236 -19.76 9.80 -19.35
CA LEU B 236 -20.11 8.48 -18.86
C LEU B 236 -21.60 8.36 -18.62
N THR B 237 -22.25 9.45 -18.22
CA THR B 237 -23.69 9.44 -17.99
C THR B 237 -24.40 9.18 -19.32
N LEU B 238 -23.88 9.80 -20.38
CA LEU B 238 -24.38 9.65 -21.74
C LEU B 238 -24.16 8.23 -22.26
N ARG B 239 -22.97 7.68 -22.01
CA ARG B 239 -22.64 6.33 -22.45
C ARG B 239 -23.46 5.28 -21.70
N LEU B 240 -23.78 5.56 -20.44
CA LEU B 240 -24.59 4.64 -19.65
C LEU B 240 -26.03 4.64 -20.18
N ALA B 241 -26.52 5.82 -20.56
CA ALA B 241 -27.88 5.95 -21.09
C ALA B 241 -27.98 5.17 -22.42
N GLU B 242 -27.00 5.40 -23.31
CA GLU B 242 -26.92 4.74 -24.62
C GLU B 242 -26.83 3.22 -24.49
N LEU B 243 -25.95 2.76 -23.59
CA LEU B 243 -25.75 1.33 -23.34
C LEU B 243 -27.00 0.65 -22.83
N GLU B 244 -27.77 1.37 -22.03
CA GLU B 244 -29.00 0.82 -21.49
C GLU B 244 -29.98 0.63 -22.65
N LYS B 245 -30.05 1.63 -23.52
CA LYS B 245 -30.92 1.57 -24.71
C LYS B 245 -30.50 0.38 -25.58
N LYS B 246 -29.20 0.21 -25.80
CA LYS B 246 -28.70 -0.91 -26.60
C LYS B 246 -29.11 -2.27 -26.05
N ALA B 247 -29.23 -2.37 -24.73
CA ALA B 247 -29.63 -3.61 -24.08
C ALA B 247 -31.11 -3.86 -24.34
N HIS B 248 -31.93 -2.84 -24.09
CA HIS B 248 -33.38 -2.91 -24.29
C HIS B 248 -33.71 -3.19 -25.76
N GLU B 249 -33.07 -2.44 -26.66
CA GLU B 249 -33.24 -2.54 -28.11
C GLU B 249 -32.99 -3.97 -28.62
N ILE B 250 -32.10 -4.70 -27.95
CA ILE B 250 -31.75 -6.07 -28.32
C ILE B 250 -32.85 -7.09 -28.02
N ALA B 251 -33.48 -6.97 -26.87
CA ALA B 251 -34.57 -7.88 -26.52
C ALA B 251 -35.88 -7.06 -26.58
N GLY B 252 -36.53 -6.89 -25.43
CA GLY B 252 -37.75 -6.12 -25.36
C GLY B 252 -37.82 -5.52 -23.97
N GLU B 253 -38.88 -4.76 -23.69
CA GLU B 253 -39.11 -4.13 -22.38
C GLU B 253 -37.92 -3.49 -21.66
N GLU B 254 -38.18 -2.99 -20.45
CA GLU B 254 -37.17 -2.35 -19.60
C GLU B 254 -36.75 -3.27 -18.47
N PHE B 255 -35.54 -3.07 -17.95
CA PHE B 255 -35.03 -3.91 -16.87
C PHE B 255 -33.73 -3.40 -16.23
N ASN B 256 -33.43 -3.95 -15.05
CA ASN B 256 -32.19 -3.64 -14.34
C ASN B 256 -31.11 -4.49 -14.98
N LEU B 257 -29.87 -4.05 -14.89
CA LEU B 257 -28.78 -4.83 -15.47
C LEU B 257 -28.19 -5.73 -14.37
N SER B 258 -29.09 -6.20 -13.49
CA SER B 258 -28.76 -7.06 -12.35
C SER B 258 -28.98 -8.55 -12.64
N SER B 259 -27.91 -9.35 -12.58
CA SER B 259 -27.99 -10.80 -12.84
C SER B 259 -28.86 -11.54 -11.81
N THR B 260 -29.09 -12.82 -12.07
CA THR B 260 -29.93 -13.70 -11.22
C THR B 260 -31.31 -13.09 -10.88
N LYS B 261 -31.71 -12.11 -11.69
CA LYS B 261 -32.99 -11.43 -11.53
C LYS B 261 -33.59 -11.09 -12.88
N GLN B 262 -33.05 -10.05 -13.51
CA GLN B 262 -33.55 -9.59 -14.81
C GLN B 262 -32.78 -10.11 -16.03
N LEU B 263 -31.55 -10.58 -15.84
CA LEU B 263 -30.72 -11.07 -16.93
C LEU B 263 -31.03 -12.50 -17.38
N GLN B 264 -31.14 -13.40 -16.40
CA GLN B 264 -31.44 -14.81 -16.67
C GLN B 264 -32.78 -15.00 -17.37
N THR B 265 -33.73 -14.14 -17.04
CA THR B 265 -35.07 -14.16 -17.62
C THR B 265 -35.04 -13.75 -19.11
N ILE B 266 -33.90 -13.20 -19.53
CA ILE B 266 -33.67 -12.73 -20.91
C ILE B 266 -32.68 -13.62 -21.67
N LEU B 267 -31.42 -13.59 -21.22
CA LEU B 267 -30.28 -14.32 -21.81
C LEU B 267 -30.42 -15.80 -22.18
N PHE B 268 -30.90 -16.62 -21.25
CA PHE B 268 -31.06 -18.05 -21.50
C PHE B 268 -32.47 -18.39 -21.98
N GLU B 269 -33.39 -17.45 -21.74
CA GLU B 269 -34.77 -17.57 -22.18
C GLU B 269 -34.81 -17.35 -23.70
N LYS B 270 -33.72 -16.80 -24.24
CA LYS B 270 -33.58 -16.55 -25.68
C LYS B 270 -32.32 -17.31 -26.16
N GLN B 271 -32.13 -18.51 -25.63
CA GLN B 271 -31.02 -19.42 -25.92
C GLN B 271 -29.71 -19.12 -25.16
N GLY B 272 -29.12 -20.18 -24.62
CA GLY B 272 -27.89 -20.10 -23.83
C GLY B 272 -27.99 -21.21 -22.80
N ILE B 273 -27.11 -21.21 -21.80
CA ILE B 273 -27.19 -22.26 -20.79
C ILE B 273 -27.28 -21.74 -19.34
N LYS B 274 -28.48 -21.93 -18.77
CA LYS B 274 -28.92 -21.54 -17.41
C LYS B 274 -28.15 -20.76 -16.31
N PRO B 275 -26.95 -21.23 -15.85
CA PRO B 275 -26.23 -20.49 -14.80
C PRO B 275 -25.89 -19.00 -15.05
N LEU B 276 -25.66 -18.24 -13.97
CA LEU B 276 -25.33 -16.81 -14.05
C LEU B 276 -23.81 -16.55 -14.00
N LYS B 277 -23.41 -15.30 -13.73
CA LYS B 277 -22.00 -14.95 -13.65
C LYS B 277 -21.77 -13.91 -12.57
N LYS B 278 -21.25 -14.36 -11.43
CA LYS B 278 -20.95 -13.53 -10.26
C LYS B 278 -20.05 -12.34 -10.56
N THR B 279 -20.36 -11.19 -9.93
CA THR B 279 -19.60 -9.97 -10.12
C THR B 279 -18.50 -9.81 -9.05
N PRO B 284 -14.28 -16.61 -7.29
CA PRO B 284 -15.59 -17.00 -7.90
C PRO B 284 -15.87 -16.28 -9.23
N SER B 285 -15.45 -15.02 -9.32
CA SER B 285 -15.66 -14.20 -10.52
C SER B 285 -14.45 -14.17 -11.48
N THR B 286 -13.24 -14.06 -10.91
CA THR B 286 -12.02 -14.05 -11.71
C THR B 286 -11.58 -15.49 -12.04
N SER B 287 -12.57 -16.32 -12.39
CA SER B 287 -12.36 -17.73 -12.73
C SER B 287 -13.50 -18.26 -13.61
N GLU B 288 -14.73 -17.77 -13.35
CA GLU B 288 -15.92 -18.17 -14.11
C GLU B 288 -16.86 -17.01 -14.46
N GLU B 289 -16.53 -16.29 -15.53
CA GLU B 289 -17.35 -15.17 -15.99
C GLU B 289 -18.15 -15.57 -17.23
N VAL B 290 -19.26 -16.27 -16.99
CA VAL B 290 -20.16 -16.75 -18.04
C VAL B 290 -20.52 -15.69 -19.08
N LEU B 291 -20.69 -14.45 -18.60
CA LEU B 291 -21.06 -13.33 -19.45
C LEU B 291 -20.02 -12.94 -20.51
N GLU B 292 -18.73 -13.04 -20.19
CA GLU B 292 -17.70 -12.68 -21.18
C GLU B 292 -17.29 -13.81 -22.14
N GLU B 293 -17.93 -14.97 -21.99
CA GLU B 293 -17.71 -16.12 -22.86
C GLU B 293 -18.61 -15.85 -24.06
N LEU B 294 -19.88 -15.63 -23.74
CA LEU B 294 -20.91 -15.33 -24.72
C LEU B 294 -20.54 -14.08 -25.52
N ALA B 295 -19.72 -13.22 -24.91
CA ALA B 295 -19.27 -11.96 -25.52
C ALA B 295 -18.49 -12.05 -26.82
N LEU B 296 -17.91 -13.22 -27.13
CA LEU B 296 -17.12 -13.38 -28.36
C LEU B 296 -17.98 -13.47 -29.62
N ASP B 297 -19.28 -13.74 -29.44
CA ASP B 297 -20.24 -13.87 -30.54
C ASP B 297 -21.59 -13.21 -30.21
N TYR B 298 -22.11 -13.47 -29.01
CA TYR B 298 -23.38 -12.90 -28.53
C TYR B 298 -23.21 -11.42 -28.17
N PRO B 299 -24.16 -10.58 -28.60
CA PRO B 299 -24.12 -9.13 -28.35
C PRO B 299 -24.63 -8.62 -27.00
N LEU B 300 -25.78 -9.10 -26.53
CA LEU B 300 -26.36 -8.63 -25.26
C LEU B 300 -25.46 -8.70 -24.03
N PRO B 301 -24.91 -9.89 -23.70
CA PRO B 301 -24.05 -10.02 -22.51
C PRO B 301 -22.80 -9.14 -22.58
N LYS B 302 -22.38 -8.80 -23.80
CA LYS B 302 -21.21 -7.95 -24.04
C LYS B 302 -21.47 -6.51 -23.59
N VAL B 303 -22.67 -6.01 -23.85
CA VAL B 303 -23.04 -4.63 -23.47
C VAL B 303 -23.33 -4.48 -21.96
N ILE B 304 -23.84 -5.54 -21.34
CA ILE B 304 -24.13 -5.55 -19.91
C ILE B 304 -22.82 -5.58 -19.14
N LEU B 305 -21.85 -6.29 -19.71
CA LEU B 305 -20.51 -6.44 -19.16
C LEU B 305 -19.88 -5.05 -19.06
N GLU B 306 -19.79 -4.37 -20.20
CA GLU B 306 -19.19 -3.04 -20.28
C GLU B 306 -19.97 -1.95 -19.54
N TYR B 307 -21.27 -2.17 -19.34
CA TYR B 307 -22.11 -1.21 -18.63
C TYR B 307 -21.73 -1.18 -17.14
N ARG B 308 -21.75 -2.34 -16.51
CA ARG B 308 -21.42 -2.48 -15.09
C ARG B 308 -20.06 -1.84 -14.78
N GLY B 309 -19.10 -2.10 -15.65
CA GLY B 309 -17.76 -1.56 -15.47
C GLY B 309 -17.72 -0.05 -15.46
N LEU B 310 -18.35 0.60 -16.43
CA LEU B 310 -18.37 2.06 -16.48
C LEU B 310 -19.14 2.64 -15.28
N ALA B 311 -20.15 1.92 -14.82
CA ALA B 311 -20.96 2.35 -13.68
C ALA B 311 -20.11 2.39 -12.42
N LYS B 312 -19.35 1.32 -12.19
CA LYS B 312 -18.46 1.20 -11.04
C LYS B 312 -17.43 2.33 -11.00
N LEU B 313 -16.71 2.49 -12.12
CA LEU B 313 -15.68 3.49 -12.30
C LEU B 313 -16.08 4.96 -12.06
N LYS B 314 -17.24 5.35 -12.59
CA LYS B 314 -17.74 6.73 -12.45
C LYS B 314 -17.99 7.12 -11.00
N SER B 315 -18.67 6.24 -10.27
CA SER B 315 -18.98 6.50 -8.87
C SER B 315 -17.79 6.37 -7.93
N THR B 316 -16.81 5.56 -8.31
CA THR B 316 -15.63 5.33 -7.49
C THR B 316 -14.50 6.35 -7.69
N TYR B 317 -14.31 6.81 -8.92
CA TYR B 317 -13.22 7.75 -9.19
C TYR B 317 -13.63 9.07 -9.84
N THR B 318 -14.52 9.02 -10.82
CA THR B 318 -14.94 10.22 -11.50
C THR B 318 -15.73 11.20 -10.61
N ASP B 319 -16.56 10.65 -9.73
CA ASP B 319 -17.36 11.48 -8.84
C ASP B 319 -16.74 11.72 -7.45
N LYS B 320 -15.84 10.83 -7.05
CA LYS B 320 -15.16 10.93 -5.75
C LYS B 320 -13.94 11.84 -5.72
N LEU B 321 -12.96 11.52 -6.56
CA LEU B 321 -11.71 12.28 -6.63
C LEU B 321 -11.78 13.80 -6.52
N PRO B 322 -12.68 14.46 -7.27
CA PRO B 322 -12.79 15.92 -7.21
C PRO B 322 -13.15 16.41 -5.81
N LEU B 323 -13.85 15.56 -5.06
CA LEU B 323 -14.27 15.89 -3.71
C LEU B 323 -13.15 15.69 -2.69
N MET B 324 -12.07 15.05 -3.10
CA MET B 324 -10.94 14.80 -2.21
C MET B 324 -9.87 15.88 -2.28
N ILE B 325 -10.04 16.87 -3.14
CA ILE B 325 -9.04 17.93 -3.25
C ILE B 325 -9.05 18.74 -1.95
N ASN B 326 -7.87 18.98 -1.41
CA ASN B 326 -7.73 19.72 -0.17
C ASN B 326 -7.72 21.23 -0.44
N PRO B 327 -8.58 21.98 0.26
CA PRO B 327 -8.68 23.43 0.12
C PRO B 327 -7.38 24.17 0.42
N LYS B 328 -6.59 23.65 1.36
CA LYS B 328 -5.34 24.30 1.76
C LYS B 328 -4.18 24.19 0.75
N THR B 329 -4.09 23.06 0.09
CA THR B 329 -3.01 22.82 -0.86
C THR B 329 -3.49 22.79 -2.30
N GLY B 330 -4.77 22.47 -2.47
CA GLY B 330 -5.34 22.36 -3.80
C GLY B 330 -4.92 21.04 -4.43
N ARG B 331 -4.38 20.12 -3.62
CA ARG B 331 -3.95 18.82 -4.12
C ARG B 331 -4.64 17.68 -3.39
N VAL B 332 -4.51 16.47 -3.93
CA VAL B 332 -5.11 15.28 -3.30
C VAL B 332 -4.01 14.53 -2.55
N HIS B 333 -4.27 14.24 -1.28
CA HIS B 333 -3.33 13.55 -0.41
C HIS B 333 -3.80 12.16 -0.03
N THR B 334 -3.33 11.17 -0.78
CA THR B 334 -3.73 9.79 -0.52
C THR B 334 -3.11 9.22 0.75
N SER B 335 -3.81 8.29 1.38
CA SER B 335 -3.33 7.63 2.59
C SER B 335 -2.61 6.33 2.25
N TYR B 336 -1.31 6.27 2.55
CA TYR B 336 -0.54 5.05 2.34
C TYR B 336 -0.51 4.27 3.66
N HIS B 337 -0.63 2.95 3.56
CA HIS B 337 -0.61 2.09 4.73
C HIS B 337 0.61 1.17 4.68
N GLN B 338 1.46 1.32 5.70
CA GLN B 338 2.67 0.53 5.79
C GLN B 338 2.54 -0.78 6.55
N ALA B 339 1.56 -0.87 7.43
CA ALA B 339 1.38 -2.09 8.20
C ALA B 339 0.01 -2.73 8.02
N VAL B 340 -0.31 -3.08 6.77
CA VAL B 340 -1.61 -3.66 6.47
C VAL B 340 -1.62 -4.96 5.66
N THR B 341 -0.83 -5.02 4.59
CA THR B 341 -0.79 -6.23 3.76
C THR B 341 -0.06 -7.38 4.42
N ALA B 342 -0.44 -8.60 4.06
CA ALA B 342 0.18 -9.80 4.62
C ALA B 342 1.59 -10.02 4.06
N THR B 343 1.79 -9.60 2.82
CA THR B 343 3.07 -9.78 2.14
C THR B 343 4.09 -8.68 2.30
N GLY B 344 3.66 -7.52 2.80
CA GLY B 344 4.59 -6.42 2.98
C GLY B 344 4.55 -5.29 1.96
N ARG B 345 3.67 -5.39 0.98
CA ARG B 345 3.52 -4.34 -0.03
C ARG B 345 2.74 -3.19 0.59
N LEU B 346 2.98 -1.97 0.12
CA LEU B 346 2.23 -0.84 0.62
C LEU B 346 0.82 -0.88 -0.01
N SER B 347 -0.17 -0.37 0.72
CA SER B 347 -1.52 -0.32 0.18
C SER B 347 -1.92 1.15 0.16
N SER B 348 -3.04 1.45 -0.50
CA SER B 348 -3.47 2.83 -0.65
C SER B 348 -4.97 3.00 -0.48
N THR B 349 -5.39 4.17 0.00
CA THR B 349 -6.80 4.51 0.15
C THR B 349 -7.03 6.02 0.05
N ASP B 350 -8.27 6.41 -0.27
CA ASP B 350 -8.69 7.81 -0.41
C ASP B 350 -7.70 8.70 -1.14
N PRO B 351 -7.42 8.40 -2.42
CA PRO B 351 -7.97 7.28 -3.19
C PRO B 351 -7.11 6.02 -3.22
N ASN B 352 -7.75 4.88 -3.47
CA ASN B 352 -7.05 3.62 -3.57
C ASN B 352 -6.47 3.57 -4.99
N LEU B 353 -5.30 4.18 -5.16
CA LEU B 353 -4.63 4.24 -6.45
C LEU B 353 -4.45 2.91 -7.18
N GLN B 354 -4.50 1.81 -6.45
CA GLN B 354 -4.29 0.51 -7.09
C GLN B 354 -5.48 -0.16 -7.77
N ASN B 355 -6.68 0.40 -7.56
CA ASN B 355 -7.90 -0.14 -8.18
C ASN B 355 -8.31 0.56 -9.47
N ILE B 356 -7.48 1.51 -9.93
CA ILE B 356 -7.73 2.22 -11.17
C ILE B 356 -7.32 1.24 -12.26
N PRO B 357 -8.29 0.76 -13.08
CA PRO B 357 -8.00 -0.21 -14.16
C PRO B 357 -6.78 0.17 -14.97
N VAL B 358 -5.88 -0.79 -15.16
CA VAL B 358 -4.66 -0.51 -15.92
C VAL B 358 -4.87 -0.83 -17.39
N ARG B 359 -5.18 -2.08 -17.69
CA ARG B 359 -5.44 -2.48 -19.08
C ARG B 359 -6.95 -2.40 -19.32
N ASN B 360 -7.37 -1.17 -19.57
CA ASN B 360 -8.75 -0.77 -19.84
C ASN B 360 -8.61 0.68 -20.28
N GLU B 361 -9.25 1.03 -21.39
CA GLU B 361 -9.17 2.38 -21.92
C GLU B 361 -9.67 3.48 -20.96
N GLU B 362 -10.70 3.17 -20.18
CA GLU B 362 -11.25 4.17 -19.26
C GLU B 362 -10.31 4.54 -18.12
N GLY B 363 -9.63 3.54 -17.57
CA GLY B 363 -8.71 3.79 -16.48
C GLY B 363 -7.65 4.79 -16.91
N ARG B 364 -7.33 4.76 -18.21
CA ARG B 364 -6.33 5.66 -18.79
C ARG B 364 -6.78 7.11 -18.73
N ARG B 365 -8.09 7.32 -18.82
CA ARG B 365 -8.65 8.66 -18.77
C ARG B 365 -8.69 9.18 -17.35
N ILE B 366 -8.65 8.26 -16.40
CA ILE B 366 -8.62 8.63 -15.00
C ILE B 366 -7.20 9.14 -14.75
N ARG B 367 -6.21 8.44 -15.30
CA ARG B 367 -4.81 8.81 -15.14
C ARG B 367 -4.43 10.12 -15.84
N GLN B 368 -5.20 10.53 -16.85
CA GLN B 368 -4.91 11.78 -17.55
C GLN B 368 -5.27 12.97 -16.67
N ALA B 369 -6.14 12.73 -15.68
CA ALA B 369 -6.57 13.76 -14.74
C ALA B 369 -5.50 14.05 -13.66
N PHE B 370 -4.45 13.24 -13.66
CA PHE B 370 -3.33 13.40 -12.72
C PHE B 370 -2.30 14.17 -13.52
N ILE B 371 -2.23 15.49 -13.25
CA ILE B 371 -1.36 16.39 -14.01
C ILE B 371 -0.18 17.01 -13.30
N ALA B 372 0.73 17.55 -14.11
CA ALA B 372 1.91 18.23 -13.60
C ALA B 372 1.64 19.75 -13.55
N PRO B 373 2.11 20.42 -12.49
CA PRO B 373 1.89 21.88 -12.40
C PRO B 373 2.66 22.55 -13.53
N GLU B 374 2.42 23.84 -13.75
CA GLU B 374 3.10 24.58 -14.81
C GLU B 374 4.61 24.42 -14.72
N ASP B 375 5.25 24.25 -15.87
CA ASP B 375 6.70 24.08 -16.00
C ASP B 375 7.27 22.75 -15.52
N TYR B 376 6.40 21.82 -15.14
CA TYR B 376 6.83 20.50 -14.68
C TYR B 376 6.24 19.40 -15.57
N VAL B 377 6.75 18.18 -15.42
CA VAL B 377 6.26 17.03 -16.18
C VAL B 377 6.14 15.85 -15.24
N ILE B 378 5.20 14.95 -15.54
CA ILE B 378 5.05 13.76 -14.73
C ILE B 378 6.04 12.73 -15.23
N VAL B 379 6.79 12.12 -14.31
CA VAL B 379 7.75 11.09 -14.68
C VAL B 379 7.43 9.79 -13.96
N SER B 380 7.30 8.72 -14.74
CA SER B 380 6.96 7.40 -14.23
C SER B 380 8.13 6.42 -14.34
N ALA B 381 8.55 5.87 -13.19
CA ALA B 381 9.65 4.90 -13.14
C ALA B 381 9.03 3.58 -12.66
N ASP B 382 9.16 2.54 -13.49
CA ASP B 382 8.53 1.26 -13.18
C ASP B 382 9.43 0.05 -13.32
N TYR B 383 9.29 -0.91 -12.42
CA TYR B 383 10.06 -2.16 -12.46
C TYR B 383 9.31 -3.15 -13.36
N SER B 384 9.81 -3.34 -14.58
CA SER B 384 9.18 -4.26 -15.53
C SER B 384 9.17 -5.68 -15.00
N GLN B 385 7.95 -6.21 -14.84
CA GLN B 385 7.68 -7.57 -14.35
C GLN B 385 8.68 -8.04 -13.32
N ILE B 386 8.71 -7.31 -12.22
CA ILE B 386 9.63 -7.57 -11.13
C ILE B 386 9.40 -8.95 -10.49
N GLU B 387 8.15 -9.30 -10.19
CA GLU B 387 7.89 -10.60 -9.56
C GLU B 387 8.30 -11.78 -10.43
N LEU B 388 8.28 -11.58 -11.74
CA LEU B 388 8.64 -12.61 -12.70
C LEU B 388 10.16 -12.78 -12.71
N ARG B 389 10.88 -11.69 -12.51
CA ARG B 389 12.34 -11.75 -12.48
C ARG B 389 12.77 -12.36 -11.15
N ILE B 390 12.01 -12.06 -10.09
CA ILE B 390 12.31 -12.59 -8.77
C ILE B 390 12.17 -14.10 -8.78
N MET B 391 11.13 -14.59 -9.44
CA MET B 391 10.90 -16.03 -9.54
C MET B 391 12.04 -16.69 -10.32
N ALA B 392 12.59 -15.97 -11.30
CA ALA B 392 13.69 -16.49 -12.11
C ALA B 392 14.92 -16.67 -11.22
N HIS B 393 15.17 -15.68 -10.37
CA HIS B 393 16.31 -15.73 -9.46
C HIS B 393 16.12 -16.81 -8.40
N LEU B 394 14.93 -16.87 -7.80
CA LEU B 394 14.61 -17.85 -6.78
C LEU B 394 14.65 -19.30 -7.25
N SER B 395 14.40 -19.53 -8.53
CA SER B 395 14.40 -20.88 -9.07
C SER B 395 15.73 -21.28 -9.72
N ARG B 396 16.67 -20.33 -9.74
CA ARG B 396 18.01 -20.54 -10.30
C ARG B 396 18.04 -21.09 -11.73
N ASP B 397 16.93 -20.92 -12.45
CA ASP B 397 16.80 -21.41 -13.82
C ASP B 397 17.59 -20.61 -14.86
N LYS B 398 18.59 -21.26 -15.46
CA LYS B 398 19.45 -20.66 -16.47
C LYS B 398 18.67 -20.18 -17.70
N GLY B 399 17.61 -20.90 -18.04
CA GLY B 399 16.78 -20.55 -19.18
C GLY B 399 16.09 -19.21 -18.97
N LEU B 400 15.37 -19.09 -17.85
CA LEU B 400 14.67 -17.84 -17.52
C LEU B 400 15.66 -16.70 -17.34
N LEU B 401 16.75 -16.99 -16.62
CA LEU B 401 17.77 -15.99 -16.36
C LEU B 401 18.38 -15.45 -17.64
N THR B 402 18.69 -16.34 -18.56
CA THR B 402 19.28 -15.94 -19.84
C THR B 402 18.28 -15.14 -20.66
N ALA B 403 17.00 -15.51 -20.58
CA ALA B 403 15.96 -14.78 -21.32
C ALA B 403 15.97 -13.30 -20.91
N PHE B 404 16.00 -13.05 -19.60
CA PHE B 404 16.05 -11.68 -19.10
C PHE B 404 17.39 -11.05 -19.39
N ALA B 405 18.45 -11.86 -19.35
CA ALA B 405 19.81 -11.38 -19.60
C ALA B 405 20.01 -10.79 -20.99
N GLU B 406 19.51 -11.49 -22.02
CA GLU B 406 19.65 -10.99 -23.40
C GLU B 406 18.50 -10.12 -23.92
N GLY B 407 17.74 -9.55 -22.99
CA GLY B 407 16.66 -8.66 -23.33
C GLY B 407 15.47 -9.21 -24.09
N LYS B 408 15.30 -10.52 -24.12
CA LYS B 408 14.17 -11.10 -24.83
C LYS B 408 12.89 -11.06 -24.00
N ASP B 409 11.75 -11.11 -24.70
CA ASP B 409 10.44 -11.10 -24.06
C ASP B 409 10.23 -12.43 -23.37
N ILE B 410 10.23 -12.46 -22.04
CA ILE B 410 10.07 -13.76 -21.38
C ILE B 410 8.86 -14.57 -21.78
N HIS B 411 7.75 -13.92 -22.12
CA HIS B 411 6.56 -14.66 -22.50
C HIS B 411 6.71 -15.36 -23.86
N ARG B 412 7.41 -14.72 -24.79
CA ARG B 412 7.66 -15.32 -26.11
C ARG B 412 8.76 -16.36 -25.98
N ALA B 413 9.76 -16.08 -25.14
CA ALA B 413 10.88 -16.99 -24.91
C ALA B 413 10.39 -18.26 -24.26
N THR B 414 9.46 -18.11 -23.32
CA THR B 414 8.85 -19.22 -22.59
C THR B 414 8.05 -20.12 -23.54
N ALA B 415 7.27 -19.49 -24.40
CA ALA B 415 6.45 -20.21 -25.37
C ALA B 415 7.33 -20.84 -26.45
N ALA B 416 8.46 -20.19 -26.75
CA ALA B 416 9.38 -20.72 -27.75
C ALA B 416 9.94 -22.05 -27.25
N GLU B 417 10.15 -22.16 -25.94
CA GLU B 417 10.67 -23.38 -25.32
C GLU B 417 9.58 -24.45 -25.05
N VAL B 418 8.45 -23.99 -24.51
CA VAL B 418 7.33 -24.87 -24.19
C VAL B 418 6.66 -25.52 -25.41
N PHE B 419 6.52 -24.76 -26.50
CA PHE B 419 5.90 -25.28 -27.72
C PHE B 419 6.95 -25.75 -28.75
N GLY B 420 8.23 -25.54 -28.42
CA GLY B 420 9.31 -25.95 -29.28
C GLY B 420 9.30 -25.34 -30.67
N LEU B 421 9.57 -24.04 -30.77
CA LEU B 421 9.61 -23.36 -32.06
C LEU B 421 10.42 -22.07 -31.99
N PRO B 422 10.89 -21.58 -33.15
CA PRO B 422 11.69 -20.34 -33.21
C PRO B 422 11.02 -19.17 -32.50
N LEU B 423 11.83 -18.28 -31.93
CA LEU B 423 11.33 -17.14 -31.21
C LEU B 423 10.56 -16.18 -32.12
N GLU B 424 11.13 -15.88 -33.29
CA GLU B 424 10.50 -14.96 -34.23
C GLU B 424 9.14 -15.42 -34.74
N THR B 425 8.86 -16.72 -34.65
CA THR B 425 7.60 -17.26 -35.14
C THR B 425 6.53 -17.54 -34.09
N VAL B 426 6.82 -17.38 -32.81
CA VAL B 426 5.79 -17.66 -31.81
C VAL B 426 4.60 -16.73 -32.03
N THR B 427 3.42 -17.33 -32.12
CA THR B 427 2.17 -16.61 -32.37
C THR B 427 1.60 -15.95 -31.11
N SER B 428 0.66 -15.03 -31.31
CA SER B 428 0.05 -14.31 -30.20
C SER B 428 -0.73 -15.20 -29.25
N GLU B 429 -1.29 -16.28 -29.79
CA GLU B 429 -2.06 -17.19 -28.95
C GLU B 429 -1.10 -18.04 -28.11
N GLN B 430 0.10 -18.28 -28.64
CA GLN B 430 1.11 -19.05 -27.94
C GLN B 430 1.75 -18.20 -26.83
N ARG B 431 1.98 -16.92 -27.12
CA ARG B 431 2.56 -15.99 -26.15
C ARG B 431 1.56 -15.74 -25.02
N ARG B 432 0.28 -15.78 -25.36
CA ARG B 432 -0.80 -15.58 -24.42
C ARG B 432 -0.89 -16.80 -23.49
N SER B 433 -0.63 -17.99 -24.00
CA SER B 433 -0.68 -19.22 -23.21
C SER B 433 0.48 -19.25 -22.19
N ALA B 434 1.66 -18.87 -22.65
CA ALA B 434 2.87 -18.85 -21.83
C ALA B 434 2.76 -17.80 -20.73
N LYS B 435 2.13 -16.67 -21.06
CA LYS B 435 1.95 -15.57 -20.13
C LYS B 435 1.05 -16.00 -18.97
N ALA B 436 0.03 -16.78 -19.29
CA ALA B 436 -0.92 -17.29 -18.31
C ALA B 436 -0.24 -18.27 -17.37
N ILE B 437 0.72 -19.03 -17.92
CA ILE B 437 1.46 -20.00 -17.12
C ILE B 437 2.43 -19.25 -16.20
N ASN B 438 3.18 -18.32 -16.78
CA ASN B 438 4.17 -17.53 -16.04
C ASN B 438 3.56 -16.80 -14.84
N PHE B 439 2.42 -16.15 -15.05
CA PHE B 439 1.79 -15.42 -13.96
C PHE B 439 1.00 -16.34 -13.05
N GLY B 440 0.60 -17.49 -13.57
CA GLY B 440 -0.13 -18.46 -12.78
C GLY B 440 0.78 -19.04 -11.70
N LEU B 441 2.02 -19.32 -12.07
CA LEU B 441 2.99 -19.88 -11.14
C LEU B 441 3.26 -18.99 -9.92
N ILE B 442 3.31 -17.67 -10.14
CA ILE B 442 3.56 -16.72 -9.07
C ILE B 442 2.46 -16.76 -8.02
N TYR B 443 1.23 -17.04 -8.44
CA TYR B 443 0.11 -17.12 -7.53
C TYR B 443 -0.14 -18.55 -7.10
N GLY B 444 0.66 -19.47 -7.64
CA GLY B 444 0.51 -20.88 -7.33
C GLY B 444 -0.72 -21.50 -7.95
N MET B 445 -1.12 -20.97 -9.11
CA MET B 445 -2.29 -21.43 -9.84
C MET B 445 -2.32 -22.90 -10.19
N SER B 446 -3.44 -23.54 -9.86
CA SER B 446 -3.67 -24.95 -10.12
C SER B 446 -3.91 -25.15 -11.61
N ALA B 447 -3.42 -26.28 -12.14
CA ALA B 447 -3.56 -26.62 -13.56
C ALA B 447 -4.97 -26.51 -14.14
N PHE B 448 -5.96 -26.34 -13.28
CA PHE B 448 -7.35 -26.22 -13.72
C PHE B 448 -7.77 -24.76 -13.80
N GLY B 449 -7.20 -23.94 -12.92
CA GLY B 449 -7.49 -22.53 -12.92
C GLY B 449 -6.89 -21.90 -14.17
N LEU B 450 -5.79 -22.48 -14.63
CA LEU B 450 -5.09 -22.03 -15.85
C LEU B 450 -6.01 -22.33 -17.03
N ALA B 451 -6.67 -23.49 -16.98
CA ALA B 451 -7.59 -23.92 -18.03
C ALA B 451 -8.79 -22.97 -18.13
N ARG B 452 -9.19 -22.39 -16.99
CA ARG B 452 -10.33 -21.46 -16.96
C ARG B 452 -9.96 -20.05 -17.41
N GLN B 453 -8.67 -19.72 -17.41
CA GLN B 453 -8.19 -18.40 -17.84
C GLN B 453 -7.88 -18.45 -19.33
N LEU B 454 -7.37 -19.59 -19.77
CA LEU B 454 -7.00 -19.80 -21.17
C LEU B 454 -8.14 -20.33 -22.03
N ASN B 455 -9.17 -20.87 -21.37
CA ASN B 455 -10.35 -21.44 -22.02
C ASN B 455 -10.12 -22.78 -22.72
N ILE B 456 -8.99 -23.41 -22.41
CA ILE B 456 -8.65 -24.71 -22.97
C ILE B 456 -9.16 -25.77 -21.98
N PRO B 457 -9.34 -27.01 -22.45
CA PRO B 457 -9.81 -28.09 -21.57
C PRO B 457 -8.79 -28.45 -20.49
N ARG B 458 -9.26 -29.05 -19.40
CA ARG B 458 -8.37 -29.50 -18.32
C ARG B 458 -7.46 -30.55 -18.96
N LYS B 459 -6.32 -30.84 -18.34
CA LYS B 459 -5.38 -31.84 -18.87
C LYS B 459 -4.68 -31.44 -20.18
N GLU B 460 -5.20 -30.38 -20.81
CA GLU B 460 -4.60 -29.80 -22.01
C GLU B 460 -3.75 -28.67 -21.39
N ALA B 461 -4.23 -28.18 -20.25
CA ALA B 461 -3.57 -27.15 -19.46
C ALA B 461 -2.43 -27.87 -18.75
N GLN B 462 -2.75 -29.07 -18.24
CA GLN B 462 -1.78 -29.90 -17.55
C GLN B 462 -0.66 -30.29 -18.52
N LYS B 463 -1.02 -30.52 -19.78
CA LYS B 463 -0.04 -30.88 -20.80
C LYS B 463 0.97 -29.75 -20.96
N TYR B 464 0.50 -28.51 -20.86
CA TYR B 464 1.35 -27.34 -20.98
C TYR B 464 2.26 -27.17 -19.76
N MET B 465 1.72 -27.38 -18.58
CA MET B 465 2.48 -27.23 -17.35
C MET B 465 3.63 -28.22 -17.20
N ASP B 466 3.39 -29.46 -17.61
CA ASP B 466 4.41 -30.51 -17.55
C ASP B 466 5.57 -30.17 -18.47
N LEU B 467 5.24 -29.60 -19.63
CA LEU B 467 6.21 -29.19 -20.62
C LEU B 467 7.00 -27.98 -20.14
N TYR B 468 6.37 -27.15 -19.30
CA TYR B 468 7.01 -25.97 -18.74
C TYR B 468 8.04 -26.40 -17.70
N PHE B 469 7.61 -27.27 -16.79
CA PHE B 469 8.45 -27.77 -15.71
C PHE B 469 9.62 -28.62 -16.19
N GLU B 470 9.46 -29.17 -17.40
CA GLU B 470 10.49 -30.01 -18.00
C GLU B 470 11.51 -29.14 -18.70
N ARG B 471 11.05 -28.01 -19.23
CA ARG B 471 11.90 -27.07 -19.93
C ARG B 471 12.56 -26.12 -18.90
N TYR B 472 11.83 -25.87 -17.82
CA TYR B 472 12.27 -25.00 -16.72
C TYR B 472 12.11 -25.79 -15.43
N PRO B 473 13.02 -26.76 -15.19
CA PRO B 473 13.03 -27.63 -14.00
C PRO B 473 13.21 -26.91 -12.66
N GLY B 474 14.06 -25.88 -12.66
CA GLY B 474 14.33 -25.12 -11.45
C GLY B 474 13.14 -24.45 -10.80
N VAL B 475 12.07 -24.25 -11.56
CA VAL B 475 10.85 -23.62 -11.06
C VAL B 475 10.04 -24.61 -10.20
N LEU B 476 10.09 -25.88 -10.56
CA LEU B 476 9.37 -26.90 -9.80
C LEU B 476 10.10 -27.11 -8.49
N GLU B 477 11.44 -27.13 -8.54
CA GLU B 477 12.26 -27.29 -7.35
C GLU B 477 11.91 -26.21 -6.34
N TYR B 478 11.88 -24.97 -6.81
CA TYR B 478 11.54 -23.84 -5.94
C TYR B 478 10.18 -24.06 -5.32
N MET B 479 9.22 -24.45 -6.14
CA MET B 479 7.87 -24.66 -5.65
C MET B 479 7.81 -25.71 -4.56
N GLU B 480 8.54 -26.80 -4.77
CA GLU B 480 8.56 -27.89 -3.80
C GLU B 480 9.32 -27.53 -2.53
N ARG B 481 10.49 -26.93 -2.71
CA ARG B 481 11.33 -26.49 -1.61
C ARG B 481 10.62 -25.46 -0.71
N THR B 482 9.84 -24.59 -1.34
CA THR B 482 9.11 -23.57 -0.61
C THR B 482 7.91 -24.14 0.13
N ARG B 483 7.24 -25.13 -0.44
CA ARG B 483 6.11 -25.72 0.25
C ARG B 483 6.64 -26.55 1.42
N ALA B 484 7.87 -27.01 1.29
CA ALA B 484 8.55 -27.81 2.31
C ALA B 484 8.91 -27.00 3.55
N GLN B 485 9.69 -25.93 3.38
CA GLN B 485 10.10 -25.10 4.51
C GLN B 485 8.90 -24.43 5.19
N ALA B 486 7.81 -24.30 4.44
CA ALA B 486 6.59 -23.70 4.96
C ALA B 486 5.95 -24.61 6.01
N LYS B 487 5.98 -25.92 5.76
CA LYS B 487 5.42 -26.90 6.70
C LYS B 487 6.35 -27.14 7.88
N GLU B 488 7.64 -27.26 7.58
CA GLU B 488 8.67 -27.48 8.59
C GLU B 488 8.77 -26.37 9.64
N GLN B 489 8.60 -25.11 9.21
CA GLN B 489 8.73 -24.01 10.16
C GLN B 489 7.60 -23.00 10.27
N GLY B 490 6.47 -23.27 9.63
CA GLY B 490 5.32 -22.37 9.72
C GLY B 490 5.40 -20.96 9.14
N TYR B 491 6.39 -20.71 8.29
CA TYR B 491 6.54 -19.41 7.66
C TYR B 491 7.49 -19.50 6.46
N VAL B 492 7.44 -18.47 5.62
CA VAL B 492 8.31 -18.35 4.44
C VAL B 492 8.94 -16.96 4.51
N GLU B 493 10.07 -16.75 3.86
CA GLU B 493 10.73 -15.45 3.90
C GLU B 493 11.07 -14.89 2.53
N THR B 494 11.35 -13.60 2.51
CA THR B 494 11.76 -12.91 1.30
C THR B 494 13.28 -12.87 1.30
N LEU B 495 13.89 -12.34 0.24
CA LEU B 495 15.33 -12.26 0.17
C LEU B 495 15.95 -11.44 1.29
N ASP B 496 15.22 -10.43 1.77
CA ASP B 496 15.71 -9.57 2.84
C ASP B 496 15.40 -10.09 4.24
N GLY B 497 14.55 -11.11 4.32
CA GLY B 497 14.25 -11.68 5.62
C GLY B 497 12.86 -11.43 6.18
N ARG B 498 12.01 -10.78 5.39
CA ARG B 498 10.64 -10.51 5.79
C ARG B 498 9.86 -11.83 5.82
N ARG B 499 9.03 -12.02 6.84
CA ARG B 499 8.30 -13.27 6.98
C ARG B 499 6.80 -13.20 6.89
N LEU B 500 6.23 -14.27 6.35
CA LEU B 500 4.79 -14.42 6.29
C LEU B 500 4.54 -15.74 7.01
N TYR B 501 3.82 -15.66 8.14
CA TYR B 501 3.50 -16.84 8.92
C TYR B 501 2.26 -17.50 8.34
N LEU B 502 2.32 -18.82 8.22
CA LEU B 502 1.22 -19.59 7.65
C LEU B 502 0.65 -20.60 8.65
N PRO B 503 -0.32 -20.18 9.46
CA PRO B 503 -0.95 -21.04 10.47
C PRO B 503 -1.79 -22.15 9.90
N ASP B 504 -2.32 -21.97 8.70
CA ASP B 504 -3.16 -23.00 8.10
C ASP B 504 -2.40 -23.92 7.18
N ILE B 505 -1.07 -23.97 7.32
CA ILE B 505 -0.24 -24.82 6.47
C ILE B 505 -0.42 -26.32 6.78
N LYS B 506 -0.73 -26.64 8.02
CA LYS B 506 -0.94 -28.03 8.44
C LYS B 506 -2.38 -28.08 8.97
N SER B 507 -3.25 -27.25 8.40
CA SER B 507 -4.65 -27.09 8.82
C SER B 507 -5.56 -28.29 9.03
N SER B 508 -5.33 -29.38 8.28
CA SER B 508 -6.15 -30.60 8.34
C SER B 508 -7.49 -30.36 7.63
N ASN B 509 -7.70 -29.11 7.20
CA ASN B 509 -8.88 -28.69 6.46
C ASN B 509 -8.38 -28.67 5.01
N GLY B 510 -9.24 -29.07 4.06
CA GLY B 510 -8.85 -29.12 2.67
C GLY B 510 -8.38 -27.84 1.99
N ALA B 511 -9.32 -26.96 1.66
CA ALA B 511 -9.01 -25.71 0.96
C ALA B 511 -8.33 -24.63 1.81
N ARG B 512 -8.56 -24.66 3.11
CA ARG B 512 -7.96 -23.71 4.02
C ARG B 512 -6.44 -23.92 3.96
N ARG B 513 -6.05 -25.18 3.78
CA ARG B 513 -4.64 -25.54 3.70
C ARG B 513 -4.08 -25.29 2.30
N ALA B 514 -4.95 -25.42 1.30
CA ALA B 514 -4.54 -25.20 -0.09
C ALA B 514 -4.13 -23.74 -0.22
N ALA B 515 -4.92 -22.86 0.39
CA ALA B 515 -4.69 -21.43 0.37
C ALA B 515 -3.34 -21.12 0.99
N ALA B 516 -3.04 -21.78 2.10
CA ALA B 516 -1.78 -21.57 2.81
C ALA B 516 -0.60 -21.98 1.93
N GLU B 517 -0.81 -22.96 1.07
CA GLU B 517 0.24 -23.45 0.18
C GLU B 517 0.46 -22.52 -0.99
N ARG B 518 -0.60 -21.85 -1.41
CA ARG B 518 -0.51 -20.90 -2.51
C ARG B 518 0.25 -19.67 -2.01
N ALA B 519 -0.03 -19.29 -0.77
CA ALA B 519 0.63 -18.15 -0.13
C ALA B 519 2.11 -18.44 0.07
N ALA B 520 2.45 -19.70 0.27
CA ALA B 520 3.84 -20.10 0.49
C ALA B 520 4.70 -19.87 -0.75
N ILE B 521 4.16 -20.17 -1.93
CA ILE B 521 4.88 -19.98 -3.19
C ILE B 521 4.93 -18.51 -3.55
N ASN B 522 3.78 -17.83 -3.42
CA ASN B 522 3.62 -16.43 -3.76
C ASN B 522 4.33 -15.37 -2.92
N ALA B 523 4.12 -15.40 -1.60
CA ALA B 523 4.70 -14.42 -0.67
C ALA B 523 6.19 -14.13 -0.84
N PRO B 524 7.03 -15.16 -1.03
CA PRO B 524 8.46 -14.86 -1.20
C PRO B 524 8.71 -13.92 -2.39
N MET B 525 7.94 -14.09 -3.46
CA MET B 525 8.10 -13.24 -4.64
C MET B 525 7.46 -11.87 -4.50
N GLN B 526 6.27 -11.82 -3.93
CA GLN B 526 5.54 -10.57 -3.74
C GLN B 526 6.21 -9.69 -2.67
N GLY B 527 6.66 -10.34 -1.59
CA GLY B 527 7.32 -9.64 -0.51
C GLY B 527 8.64 -9.06 -0.94
N THR B 528 9.38 -9.81 -1.76
CA THR B 528 10.68 -9.37 -2.26
C THR B 528 10.52 -8.13 -3.14
N ALA B 529 9.44 -8.11 -3.93
CA ALA B 529 9.17 -6.97 -4.79
C ALA B 529 8.94 -5.77 -3.89
N ALA B 530 8.12 -5.97 -2.85
CA ALA B 530 7.82 -4.91 -1.89
C ALA B 530 9.09 -4.39 -1.22
N ASP B 531 9.98 -5.29 -0.82
CA ASP B 531 11.22 -4.89 -0.17
C ASP B 531 12.04 -4.06 -1.12
N ILE B 532 12.10 -4.48 -2.38
CA ILE B 532 12.85 -3.78 -3.41
C ILE B 532 12.29 -2.38 -3.65
N ILE B 533 10.97 -2.31 -3.82
CA ILE B 533 10.31 -1.04 -4.06
C ILE B 533 10.55 -0.08 -2.86
N LYS B 534 10.54 -0.61 -1.64
CA LYS B 534 10.78 0.21 -0.45
C LYS B 534 12.22 0.74 -0.39
N ARG B 535 13.18 -0.09 -0.80
CA ARG B 535 14.57 0.33 -0.79
C ARG B 535 14.83 1.43 -1.81
N ALA B 536 14.13 1.37 -2.96
CA ALA B 536 14.28 2.38 -4.01
C ALA B 536 13.74 3.72 -3.54
N MET B 537 12.61 3.68 -2.84
CA MET B 537 12.00 4.88 -2.31
C MET B 537 12.95 5.56 -1.32
N ILE B 538 13.52 4.78 -0.42
CA ILE B 538 14.45 5.29 0.59
C ILE B 538 15.68 5.89 -0.14
N ALA B 539 16.21 5.15 -1.10
CA ALA B 539 17.37 5.61 -1.86
C ALA B 539 17.10 6.88 -2.66
N VAL B 540 15.94 6.92 -3.32
CA VAL B 540 15.59 8.09 -4.14
C VAL B 540 15.35 9.28 -3.23
N ASP B 541 14.63 9.08 -2.13
CA ASP B 541 14.33 10.16 -1.20
C ASP B 541 15.59 10.72 -0.54
N ALA B 542 16.61 9.89 -0.39
CA ALA B 542 17.86 10.32 0.24
C ALA B 542 18.56 11.34 -0.64
N TRP B 543 18.61 11.03 -1.94
CA TRP B 543 19.21 11.90 -2.95
C TRP B 543 18.43 13.21 -3.00
N LEU B 544 17.10 13.09 -3.02
CA LEU B 544 16.20 14.25 -3.05
C LEU B 544 16.55 15.18 -1.89
N GLN B 545 16.59 14.61 -0.69
CA GLN B 545 16.88 15.37 0.52
C GLN B 545 18.26 16.02 0.56
N ALA B 546 19.28 15.33 0.05
CA ALA B 546 20.64 15.85 0.06
C ALA B 546 20.96 16.84 -1.06
N GLU B 547 20.62 16.47 -2.29
CA GLU B 547 20.89 17.31 -3.47
C GLU B 547 19.87 18.42 -3.78
N GLN B 548 18.67 18.33 -3.22
CA GLN B 548 17.62 19.34 -3.43
C GLN B 548 17.22 19.71 -4.87
N PRO B 549 17.13 18.72 -5.78
CA PRO B 549 16.75 18.97 -7.17
C PRO B 549 15.28 19.39 -7.30
N ARG B 550 14.85 19.80 -8.50
CA ARG B 550 13.46 20.22 -8.70
C ARG B 550 12.60 19.01 -9.04
N VAL B 551 12.29 18.22 -8.02
CA VAL B 551 11.49 17.01 -8.17
C VAL B 551 10.85 16.59 -6.85
N ARG B 552 9.59 16.13 -6.95
CA ARG B 552 8.80 15.64 -5.81
C ARG B 552 8.39 14.22 -6.13
N MET B 553 8.46 13.32 -5.16
CA MET B 553 8.00 11.96 -5.38
C MET B 553 6.53 12.11 -5.01
N ILE B 554 5.62 11.81 -5.93
CA ILE B 554 4.22 12.02 -5.62
C ILE B 554 3.34 10.80 -5.42
N MET B 555 3.75 9.65 -5.94
CA MET B 555 2.97 8.41 -5.80
C MET B 555 3.80 7.14 -5.83
N GLN B 556 3.14 6.05 -5.46
CA GLN B 556 3.71 4.72 -5.48
C GLN B 556 2.49 3.81 -5.71
N VAL B 557 2.51 3.06 -6.81
CA VAL B 557 1.40 2.16 -7.12
C VAL B 557 1.93 0.97 -7.90
N HIS B 558 1.62 -0.22 -7.39
CA HIS B 558 2.06 -1.48 -7.97
C HIS B 558 3.58 -1.54 -7.94
N ASP B 559 4.23 -1.60 -9.10
CA ASP B 559 5.69 -1.64 -9.15
C ASP B 559 6.29 -0.33 -9.63
N GLU B 560 5.53 0.77 -9.54
CA GLU B 560 6.03 2.05 -10.02
C GLU B 560 6.04 3.19 -9.02
N LEU B 561 6.95 4.13 -9.26
CA LEU B 561 7.12 5.35 -8.46
C LEU B 561 6.86 6.51 -9.42
N VAL B 562 6.06 7.48 -8.98
CA VAL B 562 5.73 8.64 -9.83
C VAL B 562 6.25 9.95 -9.25
N PHE B 563 6.79 10.79 -10.12
CA PHE B 563 7.36 12.08 -9.71
C PHE B 563 6.83 13.22 -10.56
N GLU B 564 7.17 14.41 -10.10
CA GLU B 564 6.89 15.67 -10.77
C GLU B 564 8.32 16.21 -10.94
N VAL B 565 8.74 16.34 -12.18
CA VAL B 565 10.10 16.82 -12.46
C VAL B 565 10.03 18.09 -13.30
N HIS B 566 10.91 19.05 -13.02
CA HIS B 566 10.91 20.27 -13.81
C HIS B 566 11.27 19.95 -15.27
N LYS B 567 10.55 20.56 -16.20
CA LYS B 567 10.75 20.33 -17.64
C LYS B 567 12.19 20.52 -18.12
N ASP B 568 12.90 21.50 -17.56
CA ASP B 568 14.28 21.77 -17.96
C ASP B 568 15.30 20.78 -17.39
N ASP B 569 14.88 19.96 -16.43
CA ASP B 569 15.80 19.01 -15.79
C ASP B 569 15.49 17.53 -16.05
N VAL B 570 14.47 17.26 -16.84
CA VAL B 570 14.06 15.89 -17.11
C VAL B 570 15.13 14.88 -17.49
N ASP B 571 16.07 15.26 -18.33
CA ASP B 571 17.11 14.33 -18.74
C ASP B 571 18.07 13.90 -17.65
N ALA B 572 18.68 14.88 -16.99
CA ALA B 572 19.62 14.59 -15.92
C ALA B 572 18.95 13.84 -14.76
N VAL B 573 17.70 14.23 -14.45
CA VAL B 573 16.95 13.60 -13.38
C VAL B 573 16.56 12.15 -13.69
N ALA B 574 16.14 11.89 -14.93
CA ALA B 574 15.75 10.55 -15.35
C ALA B 574 16.92 9.57 -15.27
N LYS B 575 18.11 10.05 -15.61
CA LYS B 575 19.34 9.24 -15.58
C LYS B 575 19.59 8.79 -14.15
N GLN B 576 19.42 9.74 -13.24
CA GLN B 576 19.62 9.55 -11.82
C GLN B 576 18.59 8.64 -11.12
N ILE B 577 17.30 8.84 -11.39
CA ILE B 577 16.24 8.00 -10.79
C ILE B 577 16.49 6.55 -11.21
N HIS B 578 16.71 6.36 -12.51
CA HIS B 578 16.97 5.05 -13.12
C HIS B 578 18.12 4.34 -12.41
N GLN B 579 19.27 5.01 -12.32
CA GLN B 579 20.43 4.43 -11.66
C GLN B 579 20.17 4.05 -10.21
N LEU B 580 19.43 4.90 -9.49
CA LEU B 580 19.11 4.63 -8.10
C LEU B 580 18.23 3.41 -7.95
N MET B 581 17.25 3.30 -8.84
CA MET B 581 16.31 2.19 -8.77
C MET B 581 16.82 0.84 -9.22
N GLU B 582 17.66 0.79 -10.26
CA GLU B 582 18.17 -0.51 -10.73
C GLU B 582 19.60 -0.85 -10.31
N ASN B 583 20.16 -0.10 -9.36
CA ASN B 583 21.54 -0.33 -8.89
C ASN B 583 21.76 -0.19 -7.37
N CYS B 584 20.92 0.60 -6.70
CA CYS B 584 21.09 0.80 -5.27
C CYS B 584 20.05 0.09 -4.41
N THR B 585 19.64 -1.08 -4.88
CA THR B 585 18.69 -1.92 -4.21
C THR B 585 19.40 -3.28 -4.10
N ARG B 586 18.76 -4.37 -4.53
CA ARG B 586 19.41 -5.68 -4.48
C ARG B 586 20.23 -5.91 -5.73
N LEU B 587 21.45 -6.43 -5.55
CA LEU B 587 22.34 -6.67 -6.68
C LEU B 587 22.26 -8.09 -7.18
N ASP B 588 21.32 -8.86 -6.64
CA ASP B 588 21.17 -10.26 -7.04
C ASP B 588 20.08 -10.54 -8.08
N VAL B 589 18.92 -9.91 -7.92
CA VAL B 589 17.82 -10.09 -8.86
C VAL B 589 18.12 -9.20 -10.07
N PRO B 590 17.93 -9.73 -11.31
CA PRO B 590 18.18 -8.92 -12.52
C PRO B 590 17.00 -7.95 -12.73
N LEU B 591 17.24 -6.69 -12.40
CA LEU B 591 16.21 -5.64 -12.48
C LEU B 591 16.28 -4.75 -13.70
N LEU B 592 15.11 -4.26 -14.11
CA LEU B 592 14.96 -3.38 -15.26
C LEU B 592 13.98 -2.28 -14.90
N VAL B 593 14.40 -1.03 -15.09
CA VAL B 593 13.54 0.11 -14.79
C VAL B 593 13.20 0.87 -16.08
N GLU B 594 11.89 0.99 -16.34
CA GLU B 594 11.38 1.68 -17.51
C GLU B 594 10.95 3.10 -17.10
N VAL B 595 11.69 4.11 -17.56
CA VAL B 595 11.39 5.50 -17.23
C VAL B 595 10.76 6.26 -18.40
N GLY B 596 9.62 6.90 -18.13
CA GLY B 596 8.93 7.68 -19.14
C GLY B 596 8.42 8.99 -18.58
N SER B 597 8.02 9.93 -19.45
CA SER B 597 7.51 11.23 -19.03
C SER B 597 6.40 11.79 -19.93
N GLY B 598 5.65 12.76 -19.40
CA GLY B 598 4.56 13.36 -20.16
C GLY B 598 3.84 14.45 -19.40
N GLU B 599 2.77 14.97 -19.98
CA GLU B 599 1.98 16.04 -19.37
C GLU B 599 1.10 15.57 -18.23
N ASN B 600 0.81 14.28 -18.22
CA ASN B 600 0.00 13.73 -17.16
C ASN B 600 0.47 12.30 -16.89
N TRP B 601 -0.08 11.69 -15.84
CA TRP B 601 0.29 10.33 -15.46
C TRP B 601 0.09 9.29 -16.57
N ASP B 602 -0.98 9.42 -17.35
CA ASP B 602 -1.22 8.47 -18.44
C ASP B 602 -0.16 8.62 -19.54
N GLN B 603 0.26 9.85 -19.81
CA GLN B 603 1.28 10.09 -20.82
C GLN B 603 2.63 9.51 -20.47
N ALA B 604 2.99 9.54 -19.19
CA ALA B 604 4.28 9.01 -18.75
C ALA B 604 4.23 7.50 -18.53
N HIS B 605 3.02 7.01 -18.23
CA HIS B 605 2.73 5.60 -17.97
C HIS B 605 2.91 4.74 -19.23
EU EU C . -2.32 9.51 20.51
#